data_4OFT
#
_entry.id   4OFT
#
_cell.length_a   48.630
_cell.length_b   80.890
_cell.length_c   200.530
_cell.angle_alpha   90.00
_cell.angle_beta   90.00
_cell.angle_gamma   90.00
#
_symmetry.space_group_name_H-M   'C 2 2 21'
#
loop_
_entity.id
_entity.type
_entity.pdbx_description
1 polymer 'Glutathione S-transferase-1'
2 water water
#
_entity_poly.entity_id   1
_entity_poly.type   'polypeptide(L)'
_entity_poly.pdbx_seq_one_letter_code
;MVHYKLTYFAIRGAGECARQIFALADQEFEDVRLDKEQFAKVKPDLPFGQVPVLEVDGKQLAQSLAICRYLARQFGFAGK
STFDEAVVDSLADQYSDYRVEIKSFFYTVIGMREGDVEQLKKEVLLPARDKFFGFITKFLKKSPSGFLVGDSLTWVDLLV
SEHNATMLTFVPEFLEGYPEVKEHMEKIRAIPKLKKWIETRPETLF
;
_entity_poly.pdbx_strand_id   A,B
#
# COMPACT_ATOMS: atom_id res chain seq x y z
N MET A 1 21.61 -4.42 -21.67
CA MET A 1 20.25 -4.71 -21.12
C MET A 1 20.22 -4.58 -19.60
N VAL A 2 19.01 -4.46 -19.06
CA VAL A 2 18.79 -4.16 -17.66
C VAL A 2 18.98 -5.39 -16.77
N HIS A 3 19.91 -5.31 -15.81
CA HIS A 3 20.12 -6.38 -14.84
C HIS A 3 19.15 -6.22 -13.66
N TYR A 4 18.36 -7.26 -13.40
CA TYR A 4 17.42 -7.29 -12.28
C TYR A 4 17.88 -8.28 -11.24
N LYS A 5 17.84 -7.88 -9.97
CA LYS A 5 18.13 -8.79 -8.84
C LYS A 5 17.03 -8.70 -7.80
N LEU A 6 16.41 -9.82 -7.48
CA LEU A 6 15.40 -9.86 -6.42
C LEU A 6 16.01 -10.58 -5.23
N THR A 7 15.95 -9.94 -4.07
CA THR A 7 16.50 -10.49 -2.85
C THR A 7 15.39 -10.70 -1.84
N TYR A 8 15.16 -11.96 -1.45
CA TYR A 8 14.07 -12.30 -0.55
C TYR A 8 14.41 -13.63 0.16
N PHE A 9 13.54 -14.07 1.06
CA PHE A 9 13.67 -15.38 1.71
C PHE A 9 13.34 -16.51 0.74
N ALA A 10 13.67 -17.72 1.15
CA ALA A 10 13.43 -18.90 0.36
C ALA A 10 11.98 -19.34 0.51
N ILE A 11 11.08 -18.45 0.12
CA ILE A 11 9.64 -18.69 0.10
C ILE A 11 9.06 -17.80 -0.98
N ARG A 12 7.81 -18.07 -1.36
CA ARG A 12 7.09 -17.22 -2.30
C ARG A 12 6.79 -15.89 -1.64
N GLY A 13 5.98 -15.91 -0.59
CA GLY A 13 5.68 -14.73 0.22
C GLY A 13 5.47 -13.44 -0.56
N ALA A 14 6.10 -12.38 -0.09
CA ALA A 14 5.96 -11.05 -0.68
C ALA A 14 6.87 -10.84 -1.89
N GLY A 15 7.78 -11.78 -2.13
CA GLY A 15 8.68 -11.70 -3.27
C GLY A 15 8.09 -12.27 -4.54
N GLU A 16 7.08 -13.12 -4.40
CA GLU A 16 6.55 -13.91 -5.53
C GLU A 16 5.95 -13.05 -6.65
N CYS A 17 5.19 -12.01 -6.27
CA CYS A 17 4.57 -11.12 -7.26
C CYS A 17 5.59 -10.72 -8.32
N ALA A 18 6.75 -10.27 -7.85
CA ALA A 18 7.84 -9.88 -8.73
C ALA A 18 8.32 -11.04 -9.59
N ARG A 19 8.55 -12.18 -8.95
CA ARG A 19 9.02 -13.40 -9.64
C ARG A 19 8.09 -13.78 -10.80
N GLN A 20 6.78 -13.71 -10.56
CA GLN A 20 5.80 -14.06 -11.58
C GLN A 20 5.80 -13.06 -12.75
N ILE A 21 5.92 -11.77 -12.45
CA ILE A 21 6.00 -10.75 -13.49
C ILE A 21 7.17 -11.02 -14.43
N PHE A 22 8.35 -11.26 -13.85
CA PHE A 22 9.53 -11.60 -14.64
C PHE A 22 9.28 -12.77 -15.59
N ALA A 23 8.62 -13.81 -15.07
CA ALA A 23 8.30 -14.99 -15.87
C ALA A 23 7.43 -14.64 -17.05
N LEU A 24 6.44 -13.80 -16.81
CA LEU A 24 5.50 -13.39 -17.86
C LEU A 24 6.15 -12.50 -18.92
N ALA A 25 7.16 -11.74 -18.50
CA ALA A 25 7.92 -10.89 -19.41
C ALA A 25 9.05 -11.64 -20.11
N ASP A 26 9.23 -12.92 -19.76
CA ASP A 26 10.38 -13.71 -20.21
C ASP A 26 11.68 -12.96 -19.90
N GLN A 27 11.75 -12.45 -18.68
CA GLN A 27 12.84 -11.60 -18.24
C GLN A 27 13.72 -12.37 -17.27
N GLU A 28 15.01 -12.45 -17.60
CA GLU A 28 16.01 -13.05 -16.73
C GLU A 28 16.25 -12.16 -15.51
N PHE A 29 16.43 -12.79 -14.35
CA PHE A 29 16.74 -12.06 -13.13
C PHE A 29 17.44 -12.95 -12.12
N GLU A 30 18.25 -12.32 -11.27
CA GLU A 30 18.96 -13.03 -10.22
C GLU A 30 18.03 -13.22 -9.03
N ASP A 31 17.54 -14.44 -8.85
CA ASP A 31 16.55 -14.75 -7.82
C ASP A 31 17.25 -15.17 -6.53
N VAL A 32 17.68 -14.18 -5.75
CA VAL A 32 18.46 -14.46 -4.56
C VAL A 32 17.55 -14.79 -3.37
N ARG A 33 17.72 -15.98 -2.82
CA ARG A 33 16.95 -16.43 -1.67
C ARG A 33 17.87 -16.56 -0.47
N LEU A 34 17.64 -15.74 0.54
CA LEU A 34 18.46 -15.73 1.74
C LEU A 34 17.82 -16.57 2.84
N ASP A 35 18.66 -17.02 3.76
CA ASP A 35 18.19 -17.58 5.04
C ASP A 35 18.39 -16.52 6.11
N LYS A 36 17.83 -16.78 7.29
CA LYS A 36 17.96 -15.89 8.46
C LYS A 36 19.36 -15.32 8.64
N GLU A 37 20.34 -16.20 8.79
CA GLU A 37 21.71 -15.78 9.09
C GLU A 37 22.30 -14.90 8.01
N GLN A 38 21.91 -15.14 6.77
CA GLN A 38 22.35 -14.33 5.64
C GLN A 38 21.61 -12.99 5.59
N PHE A 39 20.31 -13.04 5.88
CA PHE A 39 19.49 -11.83 5.91
C PHE A 39 19.99 -10.85 6.98
N ALA A 40 20.34 -11.39 8.15
CA ALA A 40 20.83 -10.56 9.26
C ALA A 40 22.05 -9.71 8.87
N LYS A 41 22.88 -10.25 7.99
CA LYS A 41 24.09 -9.57 7.52
C LYS A 41 23.78 -8.37 6.63
N VAL A 42 22.91 -8.57 5.65
CA VAL A 42 22.56 -7.54 4.69
C VAL A 42 21.42 -6.63 5.20
N LYS A 43 20.82 -7.00 6.32
CA LYS A 43 19.68 -6.26 6.89
C LYS A 43 19.88 -4.75 6.93
N PRO A 44 21.03 -4.27 7.47
CA PRO A 44 21.22 -2.82 7.54
C PRO A 44 21.45 -2.14 6.18
N ASP A 45 21.83 -2.92 5.17
CA ASP A 45 22.05 -2.37 3.83
C ASP A 45 20.74 -2.06 3.09
N LEU A 46 19.63 -2.57 3.61
CA LEU A 46 18.34 -2.46 2.93
C LEU A 46 17.61 -1.18 3.38
N PRO A 47 16.85 -0.55 2.46
CA PRO A 47 16.24 0.75 2.76
C PRO A 47 15.44 0.79 4.07
N PHE A 48 14.66 -0.27 4.34
CA PHE A 48 13.83 -0.33 5.54
C PHE A 48 14.14 -1.58 6.36
N GLY A 49 15.39 -2.02 6.32
CA GLY A 49 15.85 -3.21 7.03
C GLY A 49 15.00 -4.43 6.77
N GLN A 50 14.53 -4.57 5.53
CA GLN A 50 13.54 -5.57 5.19
C GLN A 50 13.65 -6.08 3.76
N VAL A 51 13.17 -7.30 3.54
CA VAL A 51 13.06 -7.87 2.19
C VAL A 51 11.59 -8.17 1.89
N PRO A 52 11.21 -8.21 0.60
CA PRO A 52 12.06 -8.21 -0.59
C PRO A 52 12.67 -6.87 -0.92
N VAL A 53 13.79 -6.91 -1.63
CA VAL A 53 14.40 -5.73 -2.25
C VAL A 53 14.74 -6.08 -3.70
N LEU A 54 14.36 -5.17 -4.60
CA LEU A 54 14.69 -5.30 -6.01
C LEU A 54 15.84 -4.34 -6.32
N GLU A 55 16.82 -4.80 -7.09
CA GLU A 55 17.87 -3.93 -7.61
C GLU A 55 17.82 -3.88 -9.13
N VAL A 56 17.74 -2.68 -9.69
CA VAL A 56 17.67 -2.50 -11.13
C VAL A 56 18.92 -1.76 -11.56
N ASP A 57 19.89 -2.47 -12.12
CA ASP A 57 21.21 -1.93 -12.39
C ASP A 57 21.82 -1.30 -11.13
N GLY A 58 21.62 -1.96 -9.99
CA GLY A 58 22.17 -1.51 -8.71
C GLY A 58 21.26 -0.61 -7.88
N LYS A 59 20.20 -0.06 -8.47
CA LYS A 59 19.35 0.89 -7.75
C LYS A 59 18.35 0.12 -6.87
N GLN A 60 18.46 0.28 -5.56
CA GLN A 60 17.63 -0.45 -4.61
C GLN A 60 16.18 0.06 -4.58
N LEU A 61 15.23 -0.86 -4.50
CA LEU A 61 13.82 -0.55 -4.36
C LEU A 61 13.17 -1.57 -3.43
N ALA A 62 12.67 -1.12 -2.27
CA ALA A 62 12.07 -2.01 -1.28
C ALA A 62 10.55 -2.03 -1.44
N GLN A 63 9.89 -2.86 -0.64
CA GLN A 63 8.42 -2.95 -0.56
C GLN A 63 7.79 -3.70 -1.74
N SER A 64 7.20 -4.85 -1.44
CA SER A 64 6.65 -5.77 -2.44
C SER A 64 5.65 -5.14 -3.42
N LEU A 65 4.76 -4.30 -2.90
CA LEU A 65 3.77 -3.63 -3.74
C LEU A 65 4.43 -2.68 -4.72
N ALA A 66 5.32 -1.83 -4.21
CA ALA A 66 6.08 -0.89 -5.03
C ALA A 66 6.92 -1.62 -6.07
N ILE A 67 7.56 -2.70 -5.63
CA ILE A 67 8.36 -3.56 -6.50
C ILE A 67 7.51 -4.18 -7.62
N CYS A 68 6.40 -4.80 -7.26
CA CYS A 68 5.60 -5.49 -8.25
C CYS A 68 4.93 -4.51 -9.21
N ARG A 69 4.46 -3.38 -8.68
CA ARG A 69 3.94 -2.31 -9.53
C ARG A 69 5.00 -1.80 -10.50
N TYR A 70 6.21 -1.57 -10.00
CA TYR A 70 7.29 -1.05 -10.85
C TYR A 70 7.55 -1.96 -12.06
N LEU A 71 7.73 -3.25 -11.80
CA LEU A 71 7.99 -4.22 -12.86
C LEU A 71 6.77 -4.33 -13.77
N ALA A 72 5.59 -4.42 -13.13
CA ALA A 72 4.31 -4.47 -13.85
C ALA A 72 4.19 -3.33 -14.86
N ARG A 73 4.62 -2.12 -14.46
CA ARG A 73 4.64 -0.98 -15.37
C ARG A 73 5.67 -1.20 -16.46
N GLN A 74 6.84 -1.68 -16.08
CA GLN A 74 7.92 -1.97 -17.04
C GLN A 74 7.50 -2.85 -18.18
N PHE A 75 6.75 -3.89 -17.87
CA PHE A 75 6.46 -4.95 -18.83
C PHE A 75 5.01 -5.01 -19.28
N GLY A 76 4.25 -3.94 -19.04
CA GLY A 76 2.88 -3.83 -19.55
C GLY A 76 1.81 -4.64 -18.82
N PHE A 77 2.03 -4.91 -17.54
CA PHE A 77 1.05 -5.60 -16.71
C PHE A 77 0.52 -4.72 -15.56
N ALA A 78 0.57 -3.40 -15.76
CA ALA A 78 0.16 -2.46 -14.72
C ALA A 78 -1.27 -1.95 -14.92
N GLY A 79 -1.74 -1.97 -16.18
CA GLY A 79 -3.03 -1.40 -16.54
C GLY A 79 -2.88 -0.66 -17.86
N LYS A 80 -3.97 -0.55 -18.60
CA LYS A 80 -3.92 0.01 -19.95
C LYS A 80 -4.03 1.54 -19.97
N SER A 81 -4.51 2.12 -18.86
CA SER A 81 -4.53 3.57 -18.68
C SER A 81 -4.01 3.90 -17.29
N THR A 82 -3.71 5.19 -17.08
CA THR A 82 -3.32 5.67 -15.75
C THR A 82 -4.45 5.47 -14.74
N PHE A 83 -5.70 5.55 -15.20
CA PHE A 83 -6.81 5.30 -14.32
C PHE A 83 -6.91 3.81 -13.96
N ASP A 84 -6.85 2.94 -14.95
CA ASP A 84 -6.91 1.51 -14.69
C ASP A 84 -5.80 1.08 -13.74
N GLU A 85 -4.61 1.62 -13.98
CA GLU A 85 -3.46 1.42 -13.09
C GLU A 85 -3.80 1.76 -11.64
N ALA A 86 -4.54 2.85 -11.45
CA ALA A 86 -5.00 3.23 -10.12
C ALA A 86 -5.99 2.24 -9.53
N VAL A 87 -6.88 1.70 -10.37
CA VAL A 87 -7.85 0.71 -9.91
C VAL A 87 -7.12 -0.58 -9.52
N VAL A 88 -6.16 -1.00 -10.33
CA VAL A 88 -5.29 -2.11 -9.96
C VAL A 88 -4.65 -1.86 -8.58
N ASP A 89 -4.12 -0.65 -8.40
CA ASP A 89 -3.56 -0.23 -7.12
C ASP A 89 -4.55 -0.38 -5.96
N SER A 90 -5.79 0.03 -6.20
CA SER A 90 -6.81 0.02 -5.16
C SER A 90 -7.13 -1.40 -4.69
N LEU A 91 -7.13 -2.35 -5.62
CA LEU A 91 -7.35 -3.74 -5.27
C LEU A 91 -6.16 -4.31 -4.51
N ALA A 92 -4.94 -3.94 -4.92
CA ALA A 92 -3.73 -4.38 -4.25
C ALA A 92 -3.63 -3.84 -2.82
N ASP A 93 -4.11 -2.63 -2.60
CA ASP A 93 -4.17 -2.07 -1.25
C ASP A 93 -5.24 -2.76 -0.39
N GLN A 94 -6.39 -3.06 -1.00
CA GLN A 94 -7.46 -3.78 -0.31
C GLN A 94 -6.95 -5.15 0.10
N TYR A 95 -6.26 -5.82 -0.81
CA TYR A 95 -5.62 -7.09 -0.51
C TYR A 95 -4.69 -6.96 0.69
N SER A 96 -3.88 -5.91 0.71
CA SER A 96 -2.97 -5.66 1.84
C SER A 96 -3.74 -5.48 3.14
N ASP A 97 -4.80 -4.68 3.12
CA ASP A 97 -5.65 -4.50 4.31
C ASP A 97 -6.15 -5.85 4.81
N TYR A 98 -6.63 -6.64 3.85
CA TYR A 98 -7.13 -7.99 4.11
C TYR A 98 -6.05 -8.90 4.73
N ARG A 99 -4.81 -8.77 4.28
CA ARG A 99 -3.70 -9.54 4.88
C ARG A 99 -3.40 -9.14 6.32
N VAL A 100 -3.65 -7.88 6.67
CA VAL A 100 -3.46 -7.41 8.04
C VAL A 100 -4.53 -7.97 8.96
N GLU A 101 -5.75 -8.09 8.43
CA GLU A 101 -6.87 -8.70 9.15
C GLU A 101 -6.56 -10.15 9.52
N ILE A 102 -6.08 -10.93 8.55
CA ILE A 102 -5.84 -12.36 8.76
C ILE A 102 -4.43 -12.70 9.28
N LYS A 103 -3.57 -11.69 9.45
CA LYS A 103 -2.19 -11.87 9.96
C LYS A 103 -2.02 -12.89 11.11
N SER A 104 -2.58 -12.58 12.27
CA SER A 104 -2.53 -13.47 13.45
C SER A 104 -2.79 -14.94 13.09
N PHE A 105 -3.81 -15.18 12.29
CA PHE A 105 -4.11 -16.53 11.80
C PHE A 105 -2.99 -17.05 10.92
N PHE A 106 -2.59 -16.24 9.94
CA PHE A 106 -1.55 -16.64 8.98
C PHE A 106 -0.26 -17.01 9.68
N TYR A 107 0.16 -16.18 10.64
CA TYR A 107 1.40 -16.43 11.36
C TYR A 107 1.30 -17.64 12.31
N THR A 108 0.09 -17.93 12.80
CA THR A 108 -0.13 -19.10 13.66
C THR A 108 -0.16 -20.40 12.86
N VAL A 109 -0.79 -20.38 11.70
CA VAL A 109 -0.98 -21.60 10.91
C VAL A 109 0.30 -22.12 10.26
N ILE A 110 1.13 -21.20 9.73
CA ILE A 110 2.41 -21.61 9.14
C ILE A 110 3.43 -22.00 10.21
N GLY A 111 3.23 -21.51 11.43
CA GLY A 111 4.03 -21.91 12.58
C GLY A 111 5.02 -20.86 13.04
N MET A 112 4.61 -19.59 13.01
CA MET A 112 5.43 -18.48 13.53
C MET A 112 4.79 -17.86 14.79
N ARG A 113 3.72 -18.47 15.31
CA ARG A 113 2.96 -17.90 16.42
C ARG A 113 2.23 -18.95 17.25
N GLU A 114 2.04 -18.67 18.53
CA GLU A 114 1.19 -19.49 19.40
C GLU A 114 -0.27 -19.11 19.16
N GLY A 115 -1.15 -20.12 19.17
CA GLY A 115 -2.58 -19.89 18.98
C GLY A 115 -3.37 -21.14 18.64
N ASP A 116 -4.69 -21.01 18.67
CA ASP A 116 -5.60 -22.08 18.29
C ASP A 116 -6.13 -21.82 16.87
N VAL A 117 -5.77 -22.69 15.93
CA VAL A 117 -6.16 -22.51 14.53
C VAL A 117 -7.68 -22.45 14.38
N GLU A 118 -8.40 -23.38 14.99
CA GLU A 118 -9.85 -23.43 14.85
C GLU A 118 -10.57 -22.18 15.37
N GLN A 119 -9.99 -21.52 16.37
CA GLN A 119 -10.51 -20.25 16.86
C GLN A 119 -10.26 -19.16 15.82
N LEU A 120 -9.00 -19.02 15.41
CA LEU A 120 -8.60 -17.97 14.48
C LEU A 120 -9.19 -18.20 13.08
N LYS A 121 -9.35 -19.47 12.71
CA LYS A 121 -10.00 -19.81 11.45
C LYS A 121 -11.43 -19.30 11.46
N LYS A 122 -12.14 -19.56 12.56
CA LYS A 122 -13.57 -19.24 12.63
C LYS A 122 -13.87 -17.75 12.85
N GLU A 123 -13.19 -17.10 13.79
CA GLU A 123 -13.55 -15.72 14.16
C GLU A 123 -12.83 -14.61 13.39
N VAL A 124 -11.66 -14.88 12.79
CA VAL A 124 -10.91 -13.81 12.10
C VAL A 124 -10.63 -14.06 10.60
N LEU A 125 -10.19 -15.26 10.24
CA LEU A 125 -9.91 -15.57 8.83
C LEU A 125 -11.15 -15.55 7.94
N LEU A 126 -12.15 -16.34 8.33
CA LEU A 126 -13.33 -16.51 7.47
C LEU A 126 -14.16 -15.25 7.30
N PRO A 127 -14.46 -14.54 8.40
CA PRO A 127 -15.12 -13.26 8.15
C PRO A 127 -14.32 -12.39 7.18
N ALA A 128 -13.02 -12.23 7.44
CA ALA A 128 -12.14 -11.44 6.58
C ALA A 128 -12.17 -11.94 5.13
N ARG A 129 -12.20 -13.24 4.94
CA ARG A 129 -12.30 -13.82 3.60
C ARG A 129 -13.57 -13.35 2.89
N ASP A 130 -14.69 -13.45 3.60
CA ASP A 130 -16.01 -13.12 3.04
C ASP A 130 -16.06 -11.67 2.58
N LYS A 131 -15.67 -10.77 3.49
CA LYS A 131 -15.61 -9.34 3.21
C LYS A 131 -14.80 -9.06 1.94
N PHE A 132 -13.57 -9.58 1.93
CA PHE A 132 -12.65 -9.35 0.83
C PHE A 132 -13.14 -9.98 -0.46
N PHE A 133 -13.57 -11.24 -0.39
CA PHE A 133 -14.10 -11.96 -1.55
C PHE A 133 -15.33 -11.28 -2.10
N GLY A 134 -16.17 -10.76 -1.21
CA GLY A 134 -17.34 -9.98 -1.60
C GLY A 134 -16.96 -8.88 -2.58
N PHE A 135 -15.92 -8.13 -2.26
CA PHE A 135 -15.45 -7.05 -3.13
C PHE A 135 -14.80 -7.61 -4.39
N ILE A 136 -13.98 -8.65 -4.22
CA ILE A 136 -13.30 -9.29 -5.35
C ILE A 136 -14.30 -9.81 -6.39
N THR A 137 -15.33 -10.52 -5.93
CA THR A 137 -16.38 -11.05 -6.82
C THR A 137 -17.13 -9.95 -7.55
N LYS A 138 -17.34 -8.81 -6.90
CA LYS A 138 -18.01 -7.68 -7.52
C LYS A 138 -17.24 -7.24 -8.78
N PHE A 139 -15.93 -7.08 -8.62
CA PHE A 139 -15.05 -6.67 -9.72
C PHE A 139 -15.02 -7.69 -10.86
N LEU A 140 -15.13 -8.97 -10.52
CA LEU A 140 -15.14 -10.04 -11.51
C LEU A 140 -16.45 -10.08 -12.31
N LYS A 141 -17.58 -9.94 -11.62
CA LYS A 141 -18.89 -9.98 -12.27
C LYS A 141 -19.06 -8.91 -13.36
N LYS A 142 -18.37 -7.78 -13.21
CA LYS A 142 -18.41 -6.72 -14.23
C LYS A 142 -17.20 -6.76 -15.19
N SER A 143 -16.35 -7.78 -15.05
CA SER A 143 -15.30 -8.05 -16.02
C SER A 143 -15.77 -9.14 -16.97
N PRO A 144 -15.87 -8.83 -18.28
CA PRO A 144 -16.21 -9.90 -19.23
C PRO A 144 -15.03 -10.82 -19.50
N SER A 145 -13.81 -10.29 -19.39
CA SER A 145 -12.60 -11.03 -19.74
C SER A 145 -12.15 -12.01 -18.67
N GLY A 146 -12.70 -11.91 -17.46
CA GLY A 146 -12.26 -12.75 -16.33
C GLY A 146 -11.21 -12.09 -15.44
N PHE A 147 -10.51 -11.09 -15.98
CA PHE A 147 -9.48 -10.38 -15.21
C PHE A 147 -10.12 -9.41 -14.23
N LEU A 148 -9.40 -9.09 -13.16
CA LEU A 148 -9.92 -8.21 -12.12
C LEU A 148 -10.20 -6.80 -12.63
N VAL A 149 -9.28 -6.23 -13.41
CA VAL A 149 -9.53 -4.96 -14.10
C VAL A 149 -9.08 -5.05 -15.57
N GLY A 150 -9.89 -4.48 -16.45
CA GLY A 150 -9.57 -4.41 -17.87
C GLY A 150 -9.82 -5.71 -18.61
N ASP A 151 -9.42 -5.74 -19.88
CA ASP A 151 -9.52 -6.96 -20.69
C ASP A 151 -8.16 -7.64 -20.80
N SER A 152 -7.34 -7.52 -19.76
CA SER A 152 -5.97 -8.03 -19.80
C SER A 152 -5.42 -8.25 -18.41
N LEU A 153 -4.34 -9.02 -18.34
CA LEU A 153 -3.70 -9.36 -17.08
C LEU A 153 -2.99 -8.16 -16.44
N THR A 154 -3.13 -8.05 -15.12
CA THR A 154 -2.40 -7.06 -14.33
C THR A 154 -1.89 -7.69 -13.04
N TRP A 155 -0.97 -6.99 -12.38
CA TRP A 155 -0.26 -7.55 -11.23
C TRP A 155 -1.15 -7.93 -10.03
N VAL A 156 -2.34 -7.34 -9.86
CA VAL A 156 -3.27 -7.81 -8.79
C VAL A 156 -3.81 -9.19 -9.08
N ASP A 157 -4.09 -9.49 -10.34
CA ASP A 157 -4.52 -10.84 -10.73
C ASP A 157 -3.58 -11.88 -10.14
N LEU A 158 -2.29 -11.57 -10.14
CA LEU A 158 -1.25 -12.47 -9.64
C LEU A 158 -1.32 -12.59 -8.13
N LEU A 159 -1.33 -11.45 -7.44
CA LEU A 159 -1.41 -11.43 -5.97
C LEU A 159 -2.58 -12.27 -5.42
N VAL A 160 -3.74 -12.11 -6.02
CA VAL A 160 -4.97 -12.72 -5.51
C VAL A 160 -4.99 -14.22 -5.78
N SER A 161 -4.68 -14.61 -7.01
CA SER A 161 -4.65 -16.01 -7.41
C SER A 161 -3.62 -16.77 -6.59
N GLU A 162 -2.40 -16.24 -6.53
CA GLU A 162 -1.34 -16.84 -5.73
C GLU A 162 -1.71 -17.01 -4.26
N HIS A 163 -2.26 -15.96 -3.65
CA HIS A 163 -2.67 -16.03 -2.27
C HIS A 163 -3.76 -17.11 -2.05
N ASN A 164 -4.74 -17.15 -2.94
CA ASN A 164 -5.82 -18.13 -2.85
C ASN A 164 -5.28 -19.56 -2.98
N ALA A 165 -4.40 -19.76 -3.96
CA ALA A 165 -3.77 -21.06 -4.18
C ALA A 165 -2.97 -21.48 -2.96
N THR A 166 -2.30 -20.53 -2.32
CA THR A 166 -1.50 -20.82 -1.13
C THR A 166 -2.39 -21.15 0.06
N MET A 167 -3.48 -20.40 0.21
CA MET A 167 -4.42 -20.66 1.29
C MET A 167 -5.02 -22.05 1.20
N LEU A 168 -5.34 -22.50 -0.02
CA LEU A 168 -5.91 -23.83 -0.20
C LEU A 168 -5.11 -24.97 0.45
N THR A 169 -3.78 -24.80 0.51
CA THR A 169 -2.91 -25.82 1.12
C THR A 169 -3.09 -25.90 2.63
N PHE A 170 -3.49 -24.79 3.23
CA PHE A 170 -3.80 -24.74 4.67
C PHE A 170 -5.30 -24.87 4.95
N VAL A 171 -6.13 -24.36 4.05
CA VAL A 171 -7.58 -24.39 4.22
C VAL A 171 -8.21 -24.93 2.93
N PRO A 172 -8.49 -26.24 2.89
CA PRO A 172 -9.04 -26.82 1.65
C PRO A 172 -10.43 -26.31 1.26
N GLU A 173 -11.21 -25.85 2.24
CA GLU A 173 -12.56 -25.30 2.00
C GLU A 173 -12.57 -23.79 1.75
N PHE A 174 -11.43 -23.24 1.33
CA PHE A 174 -11.28 -21.78 1.17
C PHE A 174 -12.13 -21.07 0.11
N LEU A 175 -12.31 -21.65 -1.06
CA LEU A 175 -13.04 -20.99 -2.14
C LEU A 175 -14.31 -21.77 -2.47
N GLU A 176 -14.89 -22.45 -1.48
CA GLU A 176 -15.97 -23.39 -1.78
C GLU A 176 -17.28 -22.66 -2.13
N GLY A 177 -17.56 -21.55 -1.45
CA GLY A 177 -18.76 -20.76 -1.72
C GLY A 177 -18.50 -19.54 -2.57
N TYR A 178 -17.47 -19.59 -3.41
CA TYR A 178 -17.05 -18.45 -4.24
C TYR A 178 -16.48 -18.95 -5.55
N PRO A 179 -17.35 -19.38 -6.48
CA PRO A 179 -16.93 -19.97 -7.76
C PRO A 179 -16.23 -18.98 -8.68
N GLU A 180 -16.65 -17.72 -8.67
CA GLU A 180 -16.02 -16.69 -9.52
C GLU A 180 -14.56 -16.49 -9.12
N VAL A 181 -14.26 -16.63 -7.83
CA VAL A 181 -12.90 -16.50 -7.35
C VAL A 181 -12.05 -17.69 -7.80
N LYS A 182 -12.66 -18.87 -7.88
CA LYS A 182 -11.93 -20.04 -8.36
C LYS A 182 -11.62 -19.96 -9.84
N GLU A 183 -12.63 -19.64 -10.66
CA GLU A 183 -12.42 -19.49 -12.10
C GLU A 183 -11.31 -18.48 -12.36
N HIS A 184 -11.22 -17.45 -11.52
CA HIS A 184 -10.16 -16.47 -11.63
C HIS A 184 -8.80 -17.10 -11.34
N MET A 185 -8.64 -17.70 -10.15
CA MET A 185 -7.38 -18.38 -9.79
C MET A 185 -6.88 -19.26 -10.94
N GLU A 186 -7.76 -20.12 -11.43
CA GLU A 186 -7.40 -21.08 -12.47
C GLU A 186 -7.01 -20.37 -13.76
N LYS A 187 -7.78 -19.36 -14.14
CA LYS A 187 -7.56 -18.64 -15.38
C LYS A 187 -6.17 -18.03 -15.40
N ILE A 188 -5.81 -17.34 -14.32
CA ILE A 188 -4.53 -16.64 -14.24
C ILE A 188 -3.37 -17.61 -14.27
N ARG A 189 -3.43 -18.62 -13.40
CA ARG A 189 -2.34 -19.58 -13.23
C ARG A 189 -2.20 -20.54 -14.42
N ALA A 190 -3.23 -20.62 -15.26
CA ALA A 190 -3.18 -21.43 -16.48
C ALA A 190 -2.50 -20.72 -17.66
N ILE A 191 -2.19 -19.43 -17.48
CA ILE A 191 -1.52 -18.67 -18.53
C ILE A 191 -0.12 -19.26 -18.73
N PRO A 192 0.21 -19.64 -19.98
CA PRO A 192 1.39 -20.43 -20.30
C PRO A 192 2.67 -20.13 -19.50
N LYS A 193 3.15 -18.90 -19.56
CA LYS A 193 4.44 -18.57 -18.96
C LYS A 193 4.38 -18.59 -17.42
N LEU A 194 3.20 -18.30 -16.87
CA LEU A 194 2.99 -18.40 -15.42
C LEU A 194 2.86 -19.86 -15.00
N LYS A 195 2.03 -20.61 -15.72
CA LYS A 195 1.89 -22.05 -15.49
C LYS A 195 3.26 -22.71 -15.41
N LYS A 196 4.08 -22.44 -16.42
CA LYS A 196 5.44 -22.95 -16.51
C LYS A 196 6.25 -22.62 -15.26
N TRP A 197 6.18 -21.36 -14.83
CA TRP A 197 6.91 -20.92 -13.65
C TRP A 197 6.43 -21.66 -12.40
N ILE A 198 5.12 -21.79 -12.27
CA ILE A 198 4.55 -22.49 -11.12
C ILE A 198 5.04 -23.94 -11.07
N GLU A 199 5.21 -24.57 -12.23
CA GLU A 199 5.68 -25.94 -12.31
C GLU A 199 7.18 -26.10 -12.09
N THR A 200 7.97 -25.07 -12.41
CA THR A 200 9.43 -25.16 -12.33
C THR A 200 10.04 -24.48 -11.11
N ARG A 201 9.31 -23.56 -10.50
CA ARG A 201 9.85 -22.80 -9.37
C ARG A 201 10.19 -23.71 -8.19
N PRO A 202 11.07 -23.23 -7.29
CA PRO A 202 11.35 -24.04 -6.10
C PRO A 202 10.09 -24.24 -5.26
N GLU A 203 9.91 -25.45 -4.73
CA GLU A 203 8.74 -25.75 -3.92
C GLU A 203 8.99 -25.35 -2.45
N THR A 204 8.15 -24.44 -1.95
CA THR A 204 8.19 -23.97 -0.57
C THR A 204 6.79 -23.98 0.04
N LEU A 205 6.73 -24.01 1.38
CA LEU A 205 5.48 -24.12 2.13
C LEU A 205 4.55 -22.91 1.98
N PHE A 206 5.16 -21.76 1.70
CA PHE A 206 4.43 -20.52 1.43
C PHE A 206 5.36 -19.51 0.77
N MET B 1 -11.54 20.03 -19.24
CA MET B 1 -12.16 20.27 -17.89
C MET B 1 -12.56 18.96 -17.22
N VAL B 2 -11.58 18.29 -16.62
CA VAL B 2 -11.82 17.07 -15.85
C VAL B 2 -12.47 17.43 -14.51
N HIS B 3 -13.64 16.87 -14.23
CA HIS B 3 -14.31 17.08 -12.94
C HIS B 3 -13.81 16.08 -11.91
N TYR B 4 -13.31 16.60 -10.80
CA TYR B 4 -12.84 15.78 -9.69
C TYR B 4 -13.77 15.91 -8.50
N LYS B 5 -14.11 14.79 -7.87
CA LYS B 5 -14.89 14.78 -6.63
C LYS B 5 -14.23 13.88 -5.60
N LEU B 6 -13.91 14.44 -4.44
CA LEU B 6 -13.34 13.66 -3.36
C LEU B 6 -14.40 13.51 -2.29
N THR B 7 -14.64 12.27 -1.88
CA THR B 7 -15.63 11.98 -0.86
C THR B 7 -14.96 11.35 0.34
N TYR B 8 -15.05 12.01 1.49
CA TYR B 8 -14.38 11.55 2.69
C TYR B 8 -15.10 12.13 3.91
N PHE B 9 -14.65 11.77 5.11
CA PHE B 9 -15.17 12.35 6.34
C PHE B 9 -14.70 13.81 6.50
N ALA B 10 -15.33 14.51 7.44
CA ALA B 10 -15.00 15.90 7.74
C ALA B 10 -13.77 15.96 8.62
N ILE B 11 -12.67 15.41 8.08
CA ILE B 11 -11.37 15.43 8.73
C ILE B 11 -10.33 15.38 7.62
N ARG B 12 -9.09 15.66 7.97
CA ARG B 12 -7.98 15.52 7.04
C ARG B 12 -7.74 14.04 6.74
N GLY B 13 -7.34 13.29 7.76
CA GLY B 13 -7.18 11.83 7.67
C GLY B 13 -6.52 11.33 6.39
N ALA B 14 -7.12 10.30 5.80
CA ALA B 14 -6.61 9.67 4.57
C ALA B 14 -7.02 10.40 3.30
N GLY B 15 -7.92 11.38 3.42
CA GLY B 15 -8.37 12.16 2.29
C GLY B 15 -7.47 13.34 1.99
N GLU B 16 -6.68 13.76 2.98
CA GLU B 16 -5.93 15.01 2.90
C GLU B 16 -4.87 15.00 1.79
N CYS B 17 -4.16 13.87 1.65
CA CYS B 17 -3.14 13.75 0.61
C CYS B 17 -3.67 14.27 -0.72
N ALA B 18 -4.84 13.77 -1.10
CA ALA B 18 -5.50 14.18 -2.33
C ALA B 18 -5.79 15.67 -2.32
N ARG B 19 -6.38 16.16 -1.23
CA ARG B 19 -6.73 17.58 -1.10
C ARG B 19 -5.51 18.49 -1.32
N GLN B 20 -4.38 18.12 -0.74
CA GLN B 20 -3.15 18.91 -0.86
C GLN B 20 -2.60 18.90 -2.30
N ILE B 21 -2.66 17.75 -2.96
CA ILE B 21 -2.24 17.66 -4.35
C ILE B 21 -3.04 18.63 -5.22
N PHE B 22 -4.37 18.60 -5.09
CA PHE B 22 -5.24 19.52 -5.82
C PHE B 22 -4.82 20.96 -5.62
N ALA B 23 -4.53 21.33 -4.38
CA ALA B 23 -4.11 22.69 -4.05
C ALA B 23 -2.83 23.08 -4.79
N LEU B 24 -1.86 22.16 -4.81
CA LEU B 24 -0.58 22.39 -5.46
C LEU B 24 -0.72 22.49 -6.98
N ALA B 25 -1.71 21.80 -7.53
CA ALA B 25 -1.98 21.85 -8.97
C ALA B 25 -2.91 23.01 -9.35
N ASP B 26 -3.35 23.77 -8.36
CA ASP B 26 -4.38 24.80 -8.53
C ASP B 26 -5.60 24.22 -9.25
N GLN B 27 -6.02 23.04 -8.79
CA GLN B 27 -7.08 22.28 -9.41
C GLN B 27 -8.34 22.34 -8.56
N GLU B 28 -9.43 22.77 -9.18
CA GLU B 28 -10.75 22.78 -8.57
C GLU B 28 -11.26 21.36 -8.36
N PHE B 29 -11.93 21.13 -7.24
CA PHE B 29 -12.54 19.83 -6.98
C PHE B 29 -13.67 19.94 -5.97
N GLU B 30 -14.63 19.02 -6.06
CA GLU B 30 -15.75 18.97 -5.13
C GLU B 30 -15.32 18.21 -3.87
N ASP B 31 -15.08 18.96 -2.81
CA ASP B 31 -14.56 18.41 -1.57
C ASP B 31 -15.72 17.98 -0.66
N VAL B 32 -16.24 16.78 -0.89
CA VAL B 32 -17.42 16.31 -0.16
C VAL B 32 -17.02 15.69 1.16
N ARG B 33 -17.52 16.26 2.25
CA ARG B 33 -17.24 15.77 3.59
C ARG B 33 -18.51 15.19 4.21
N LEU B 34 -18.51 13.89 4.44
CA LEU B 34 -19.65 13.19 5.01
C LEU B 34 -19.51 13.04 6.52
N ASP B 35 -20.65 12.86 7.19
CA ASP B 35 -20.65 12.41 8.57
C ASP B 35 -21.03 10.93 8.57
N LYS B 36 -20.87 10.30 9.72
CA LYS B 36 -21.25 8.89 9.92
C LYS B 36 -22.59 8.49 9.28
N GLU B 37 -23.67 9.19 9.64
CA GLU B 37 -25.00 8.83 9.16
C GLU B 37 -25.10 8.95 7.64
N GLN B 38 -24.37 9.89 7.06
CA GLN B 38 -24.33 10.06 5.60
C GLN B 38 -23.45 9.01 4.94
N PHE B 39 -22.32 8.70 5.57
CA PHE B 39 -21.43 7.67 5.07
C PHE B 39 -22.11 6.31 5.01
N ALA B 40 -22.88 5.99 6.05
CA ALA B 40 -23.61 4.72 6.12
C ALA B 40 -24.52 4.51 4.90
N LYS B 41 -25.07 5.60 4.38
CA LYS B 41 -25.98 5.55 3.22
C LYS B 41 -25.26 5.21 1.92
N VAL B 42 -24.14 5.88 1.67
CA VAL B 42 -23.37 5.68 0.44
C VAL B 42 -22.37 4.52 0.57
N LYS B 43 -22.21 4.00 1.78
CA LYS B 43 -21.27 2.91 2.05
C LYS B 43 -21.29 1.78 1.01
N PRO B 44 -22.49 1.23 0.70
CA PRO B 44 -22.52 0.13 -0.26
C PRO B 44 -22.21 0.53 -1.71
N ASP B 45 -22.32 1.82 -2.03
CA ASP B 45 -22.02 2.32 -3.36
C ASP B 45 -20.52 2.40 -3.64
N LEU B 46 -19.71 2.29 -2.59
CA LEU B 46 -18.26 2.46 -2.71
C LEU B 46 -17.59 1.13 -3.01
N PRO B 47 -16.49 1.16 -3.80
CA PRO B 47 -15.87 -0.10 -4.25
C PRO B 47 -15.55 -1.09 -3.12
N PHE B 48 -15.04 -0.59 -1.99
CA PHE B 48 -14.68 -1.44 -0.85
C PHE B 48 -15.37 -0.98 0.43
N GLY B 49 -16.57 -0.44 0.27
CA GLY B 49 -17.38 0.04 1.39
C GLY B 49 -16.63 1.00 2.29
N GLN B 50 -15.82 1.85 1.68
CA GLN B 50 -14.90 2.70 2.44
C GLN B 50 -14.60 4.02 1.75
N VAL B 51 -14.23 5.01 2.56
CA VAL B 51 -13.76 6.30 2.07
C VAL B 51 -12.33 6.54 2.56
N PRO B 52 -11.55 7.37 1.83
CA PRO B 52 -11.95 8.23 0.72
C PRO B 52 -12.24 7.51 -0.59
N VAL B 53 -13.06 8.14 -1.42
CA VAL B 53 -13.25 7.74 -2.81
C VAL B 53 -13.12 8.98 -3.69
N LEU B 54 -12.37 8.83 -4.78
CA LEU B 54 -12.22 9.88 -5.78
C LEU B 54 -13.06 9.52 -6.99
N GLU B 55 -13.75 10.49 -7.56
CA GLU B 55 -14.44 10.31 -8.84
C GLU B 55 -13.83 11.23 -9.88
N VAL B 56 -13.39 10.69 -11.00
CA VAL B 56 -12.83 11.50 -12.09
C VAL B 56 -13.75 11.35 -13.30
N ASP B 57 -14.56 12.39 -13.55
CA ASP B 57 -15.62 12.32 -14.55
C ASP B 57 -16.55 11.11 -14.30
N GLY B 58 -16.84 10.86 -13.03
CA GLY B 58 -17.75 9.78 -12.64
C GLY B 58 -17.11 8.44 -12.35
N LYS B 59 -15.85 8.25 -12.74
CA LYS B 59 -15.18 6.96 -12.55
C LYS B 59 -14.66 6.86 -11.11
N GLN B 60 -15.20 5.91 -10.34
CA GLN B 60 -14.82 5.75 -8.94
C GLN B 60 -13.42 5.15 -8.76
N LEU B 61 -12.69 5.67 -7.79
CA LEU B 61 -11.37 5.14 -7.42
C LEU B 61 -11.22 5.22 -5.90
N ALA B 62 -11.10 4.08 -5.25
CA ALA B 62 -10.96 4.02 -3.79
C ALA B 62 -9.49 3.93 -3.37
N GLN B 63 -9.26 3.94 -2.06
CA GLN B 63 -7.93 3.76 -1.43
C GLN B 63 -7.03 5.01 -1.54
N SER B 64 -6.72 5.60 -0.39
CA SER B 64 -6.00 6.87 -0.30
C SER B 64 -4.67 6.88 -1.02
N LEU B 65 -3.92 5.80 -0.91
CA LEU B 65 -2.63 5.69 -1.57
C LEU B 65 -2.79 5.69 -3.08
N ALA B 66 -3.69 4.86 -3.59
CA ALA B 66 -3.98 4.78 -5.02
C ALA B 66 -4.49 6.11 -5.56
N ILE B 67 -5.39 6.72 -4.79
CA ILE B 67 -5.93 8.04 -5.09
C ILE B 67 -4.84 9.11 -5.16
N CYS B 68 -4.01 9.20 -4.11
CA CYS B 68 -3.00 10.25 -4.06
C CYS B 68 -1.92 10.05 -5.11
N ARG B 69 -1.51 8.79 -5.32
CA ARG B 69 -0.60 8.46 -6.42
C ARG B 69 -1.20 8.86 -7.76
N TYR B 70 -2.46 8.54 -7.99
CA TYR B 70 -3.10 8.84 -9.27
C TYR B 70 -3.03 10.33 -9.60
N LEU B 71 -3.47 11.15 -8.65
CA LEU B 71 -3.47 12.60 -8.84
C LEU B 71 -2.02 13.09 -8.95
N ALA B 72 -1.17 12.61 -8.05
CA ALA B 72 0.26 12.94 -8.08
C ALA B 72 0.87 12.70 -9.46
N ARG B 73 0.51 11.60 -10.10
CA ARG B 73 0.95 11.34 -11.45
C ARG B 73 0.35 12.33 -12.43
N GLN B 74 -0.94 12.56 -12.28
CA GLN B 74 -1.68 13.45 -13.15
C GLN B 74 -1.12 14.90 -13.14
N PHE B 75 -0.61 15.37 -12.01
CA PHE B 75 -0.12 16.76 -11.89
C PHE B 75 1.41 16.91 -11.65
N GLY B 76 2.17 15.86 -11.92
CA GLY B 76 3.63 15.92 -11.86
C GLY B 76 4.28 15.92 -10.48
N PHE B 77 3.61 15.32 -9.49
CA PHE B 77 4.14 15.17 -8.15
C PHE B 77 4.34 13.71 -7.76
N ALA B 78 4.52 12.84 -8.76
CA ALA B 78 4.67 11.40 -8.51
C ALA B 78 6.13 10.96 -8.47
N GLY B 79 7.00 11.72 -9.14
CA GLY B 79 8.40 11.33 -9.31
C GLY B 79 8.81 11.63 -10.73
N LYS B 80 10.10 11.90 -10.92
CA LYS B 80 10.61 12.34 -12.21
C LYS B 80 10.94 11.20 -13.17
N SER B 81 11.05 9.99 -12.62
CA SER B 81 11.20 8.78 -13.42
C SER B 81 10.26 7.71 -12.88
N THR B 82 10.09 6.65 -13.67
CA THR B 82 9.32 5.49 -13.22
C THR B 82 9.98 4.81 -12.03
N PHE B 83 11.31 4.88 -11.96
CA PHE B 83 12.01 4.35 -10.79
C PHE B 83 11.78 5.21 -9.54
N ASP B 84 11.94 6.52 -9.67
CA ASP B 84 11.72 7.41 -8.54
C ASP B 84 10.31 7.28 -8.01
N GLU B 85 9.36 7.20 -8.95
CA GLU B 85 7.96 6.92 -8.61
C GLU B 85 7.81 5.69 -7.73
N ALA B 86 8.56 4.64 -8.06
CA ALA B 86 8.57 3.42 -7.24
C ALA B 86 9.16 3.67 -5.85
N VAL B 87 10.21 4.48 -5.76
CA VAL B 87 10.82 4.79 -4.46
C VAL B 87 9.84 5.60 -3.62
N VAL B 88 9.18 6.59 -4.23
CA VAL B 88 8.09 7.31 -3.57
C VAL B 88 7.06 6.32 -3.02
N ASP B 89 6.67 5.36 -3.86
CA ASP B 89 5.75 4.29 -3.46
C ASP B 89 6.25 3.53 -2.23
N SER B 90 7.54 3.19 -2.23
CA SER B 90 8.12 2.39 -1.15
C SER B 90 8.06 3.10 0.19
N LEU B 91 8.25 4.42 0.17
CA LEU B 91 8.14 5.20 1.39
C LEU B 91 6.70 5.29 1.87
N ALA B 92 5.77 5.45 0.91
CA ALA B 92 4.36 5.54 1.23
C ALA B 92 3.83 4.22 1.83
N ASP B 93 4.35 3.09 1.35
CA ASP B 93 4.00 1.79 1.91
C ASP B 93 4.58 1.61 3.30
N GLN B 94 5.82 2.06 3.48
CA GLN B 94 6.46 2.00 4.80
C GLN B 94 5.67 2.84 5.78
N TYR B 95 5.28 4.04 5.37
CA TYR B 95 4.41 4.89 6.18
C TYR B 95 3.12 4.14 6.58
N SER B 96 2.51 3.45 5.62
CA SER B 96 1.31 2.67 5.88
C SER B 96 1.55 1.59 6.92
N ASP B 97 2.65 0.85 6.76
CA ASP B 97 3.02 -0.18 7.74
C ASP B 97 3.14 0.44 9.12
N TYR B 98 3.83 1.57 9.17
CA TYR B 98 3.98 2.35 10.39
C TYR B 98 2.65 2.77 11.01
N ARG B 99 1.68 3.15 10.19
CA ARG B 99 0.35 3.51 10.69
C ARG B 99 -0.40 2.33 11.28
N VAL B 100 -0.13 1.12 10.78
CA VAL B 100 -0.75 -0.10 11.31
C VAL B 100 -0.15 -0.42 12.69
N GLU B 101 1.14 -0.16 12.85
CA GLU B 101 1.81 -0.32 14.14
C GLU B 101 1.20 0.57 15.21
N ILE B 102 1.00 1.86 14.90
CA ILE B 102 0.51 2.85 15.87
C ILE B 102 -1.02 2.96 15.91
N LYS B 103 -1.72 2.19 15.09
CA LYS B 103 -3.15 2.04 15.25
C LYS B 103 -3.30 1.35 16.61
N SER B 104 -4.45 1.51 17.24
CA SER B 104 -4.64 1.23 18.65
C SER B 104 -4.35 2.50 19.43
N PHE B 105 -3.10 3.00 19.37
CA PHE B 105 -2.78 4.27 20.01
C PHE B 105 -3.54 5.40 19.35
N PHE B 106 -3.46 5.49 18.02
CA PHE B 106 -4.10 6.56 17.27
C PHE B 106 -5.61 6.58 17.53
N TYR B 107 -6.25 5.43 17.47
CA TYR B 107 -7.70 5.33 17.69
C TYR B 107 -8.09 5.60 19.14
N THR B 108 -7.20 5.30 20.08
CA THR B 108 -7.45 5.56 21.50
C THR B 108 -7.27 7.03 21.86
N VAL B 109 -6.26 7.70 21.28
CA VAL B 109 -5.95 9.09 21.62
C VAL B 109 -6.97 10.10 21.06
N ILE B 110 -7.43 9.90 19.84
CA ILE B 110 -8.44 10.78 19.25
C ILE B 110 -9.82 10.53 19.86
N GLY B 111 -10.01 9.34 20.44
CA GLY B 111 -11.23 9.02 21.19
C GLY B 111 -12.19 8.09 20.47
N MET B 112 -11.64 7.10 19.76
CA MET B 112 -12.45 6.11 19.08
C MET B 112 -12.28 4.72 19.69
N ARG B 113 -11.57 4.64 20.82
CA ARG B 113 -11.30 3.34 21.43
C ARG B 113 -10.95 3.45 22.92
N GLU B 114 -11.20 2.36 23.65
CA GLU B 114 -10.83 2.25 25.06
C GLU B 114 -9.35 1.95 25.18
N GLY B 115 -8.68 2.58 26.16
CA GLY B 115 -7.27 2.32 26.42
C GLY B 115 -6.58 3.37 27.28
N ASP B 116 -5.35 3.05 27.70
CA ASP B 116 -4.51 3.98 28.47
C ASP B 116 -3.48 4.62 27.55
N VAL B 117 -3.58 5.94 27.37
CA VAL B 117 -2.69 6.66 26.47
C VAL B 117 -1.22 6.47 26.85
N GLU B 118 -0.89 6.67 28.12
CA GLU B 118 0.49 6.57 28.58
C GLU B 118 1.12 5.19 28.35
N GLN B 119 0.30 4.15 28.38
CA GLN B 119 0.78 2.80 28.07
C GLN B 119 1.07 2.70 26.58
N LEU B 120 0.08 3.03 25.77
CA LEU B 120 0.19 2.93 24.32
C LEU B 120 1.20 3.92 23.74
N LYS B 121 1.32 5.09 24.37
CA LYS B 121 2.35 6.06 24.00
C LYS B 121 3.72 5.42 24.20
N LYS B 122 3.91 4.78 25.34
CA LYS B 122 5.20 4.22 25.74
C LYS B 122 5.62 2.99 24.95
N GLU B 123 4.73 2.00 24.90
CA GLU B 123 5.12 0.67 24.42
C GLU B 123 4.86 0.42 22.93
N VAL B 124 4.00 1.21 22.28
CA VAL B 124 3.72 0.99 20.85
C VAL B 124 3.99 2.19 19.92
N LEU B 125 3.57 3.40 20.31
CA LEU B 125 3.79 4.58 19.46
C LEU B 125 5.29 4.83 19.31
N LEU B 126 5.98 4.77 20.45
CA LEU B 126 7.39 4.45 20.50
C LEU B 126 7.38 2.98 20.88
N PRO B 127 8.22 2.14 20.24
CA PRO B 127 9.32 2.28 19.29
C PRO B 127 8.94 2.58 17.84
N ALA B 128 7.65 2.53 17.49
CA ALA B 128 7.26 2.64 16.08
C ALA B 128 7.74 3.93 15.43
N ARG B 129 7.67 5.04 16.17
CA ARG B 129 8.17 6.32 15.66
C ARG B 129 9.66 6.25 15.33
N ASP B 130 10.43 5.70 16.26
CA ASP B 130 11.88 5.62 16.13
C ASP B 130 12.28 4.82 14.90
N LYS B 131 11.72 3.61 14.79
CA LYS B 131 11.96 2.73 13.65
C LYS B 131 11.70 3.46 12.33
N PHE B 132 10.50 4.03 12.23
CA PHE B 132 10.08 4.70 11.01
C PHE B 132 10.92 5.94 10.72
N PHE B 133 11.12 6.78 11.73
CA PHE B 133 11.94 7.99 11.59
C PHE B 133 13.37 7.65 11.21
N GLY B 134 13.89 6.57 11.77
CA GLY B 134 15.22 6.07 11.43
C GLY B 134 15.37 5.93 9.93
N PHE B 135 14.38 5.31 9.28
CA PHE B 135 14.42 5.14 7.84
C PHE B 135 14.19 6.48 7.12
N ILE B 136 13.24 7.26 7.61
CA ILE B 136 12.93 8.57 7.02
C ILE B 136 14.15 9.48 6.99
N THR B 137 14.84 9.58 8.13
CA THR B 137 16.03 10.42 8.24
C THR B 137 17.17 9.97 7.32
N LYS B 138 17.28 8.66 7.08
CA LYS B 138 18.29 8.14 6.15
C LYS B 138 18.06 8.72 4.76
N PHE B 139 16.81 8.67 4.30
CA PHE B 139 16.43 9.20 2.98
C PHE B 139 16.67 10.70 2.85
N LEU B 140 16.48 11.42 3.95
CA LEU B 140 16.71 12.87 3.97
C LEU B 140 18.19 13.23 3.91
N LYS B 141 19.02 12.53 4.69
CA LYS B 141 20.46 12.81 4.72
C LYS B 141 21.13 12.69 3.35
N LYS B 142 20.59 11.84 2.48
CA LYS B 142 21.13 11.68 1.12
C LYS B 142 20.34 12.48 0.08
N SER B 143 19.38 13.28 0.54
CA SER B 143 18.72 14.27 -0.31
C SER B 143 19.35 15.64 -0.04
N PRO B 144 19.95 16.26 -1.07
CA PRO B 144 20.45 17.62 -0.90
C PRO B 144 19.30 18.65 -0.91
N SER B 145 18.24 18.34 -1.64
CA SER B 145 17.13 19.27 -1.84
C SER B 145 16.18 19.36 -0.64
N GLY B 146 16.28 18.44 0.30
CA GLY B 146 15.38 18.42 1.46
C GLY B 146 14.17 17.51 1.26
N PHE B 147 13.85 17.20 0.01
CA PHE B 147 12.73 16.32 -0.30
C PHE B 147 13.11 14.87 -0.03
N LEU B 148 12.10 14.03 0.22
CA LEU B 148 12.33 12.62 0.53
C LEU B 148 12.96 11.85 -0.63
N VAL B 149 12.45 12.07 -1.85
CA VAL B 149 13.09 11.52 -3.04
C VAL B 149 13.18 12.59 -4.13
N GLY B 150 14.32 12.61 -4.81
CA GLY B 150 14.54 13.52 -5.94
C GLY B 150 14.86 14.94 -5.50
N ASP B 151 14.95 15.84 -6.47
CA ASP B 151 15.18 17.26 -6.20
C ASP B 151 13.88 18.05 -6.32
N SER B 152 12.76 17.41 -5.98
CA SER B 152 11.43 18.00 -6.17
C SER B 152 10.39 17.35 -5.27
N LEU B 153 9.27 18.04 -5.11
CA LEU B 153 8.18 17.57 -4.27
C LEU B 153 7.47 16.36 -4.86
N THR B 154 7.13 15.41 -3.99
CA THR B 154 6.31 14.25 -4.35
C THR B 154 5.30 13.96 -3.26
N TRP B 155 4.31 13.15 -3.58
CA TRP B 155 3.16 12.94 -2.69
C TRP B 155 3.49 12.32 -1.32
N VAL B 156 4.61 11.61 -1.18
CA VAL B 156 5.02 11.13 0.15
C VAL B 156 5.50 12.26 1.07
N ASP B 157 6.16 13.28 0.50
CA ASP B 157 6.52 14.47 1.27
C ASP B 157 5.29 15.03 2.03
N LEU B 158 4.14 14.97 1.37
CA LEU B 158 2.89 15.48 1.92
C LEU B 158 2.39 14.57 3.05
N LEU B 159 2.30 13.28 2.78
CA LEU B 159 1.87 12.30 3.78
C LEU B 159 2.62 12.42 5.11
N VAL B 160 3.94 12.52 5.02
CA VAL B 160 4.78 12.45 6.21
C VAL B 160 4.75 13.78 7.00
N SER B 161 4.86 14.90 6.29
CA SER B 161 4.79 16.22 6.92
C SER B 161 3.44 16.43 7.61
N GLU B 162 2.37 16.16 6.87
CA GLU B 162 1.02 16.26 7.42
C GLU B 162 0.82 15.38 8.66
N HIS B 163 1.24 14.12 8.58
CA HIS B 163 1.09 13.21 9.73
C HIS B 163 1.86 13.72 10.94
N ASN B 164 3.09 14.17 10.71
CA ASN B 164 3.93 14.69 11.79
C ASN B 164 3.30 15.92 12.44
N ALA B 165 2.82 16.85 11.60
CA ALA B 165 2.16 18.07 12.07
C ALA B 165 0.94 17.73 12.89
N THR B 166 0.21 16.70 12.46
CA THR B 166 -0.99 16.27 13.17
C THR B 166 -0.64 15.60 14.51
N MET B 167 0.39 14.77 14.50
CA MET B 167 0.83 14.10 15.73
C MET B 167 1.24 15.12 16.80
N LEU B 168 1.92 16.19 16.38
CA LEU B 168 2.34 17.24 17.33
C LEU B 168 1.21 17.78 18.20
N THR B 169 -0.01 17.82 17.68
CA THR B 169 -1.16 18.32 18.44
C THR B 169 -1.55 17.35 19.57
N PHE B 170 -1.25 16.07 19.40
CA PHE B 170 -1.49 15.06 20.44
C PHE B 170 -0.23 14.75 21.25
N VAL B 171 0.93 14.82 20.60
CA VAL B 171 2.21 14.52 21.24
C VAL B 171 3.17 15.67 20.95
N PRO B 172 3.26 16.65 21.87
CA PRO B 172 4.12 17.80 21.61
C PRO B 172 5.61 17.47 21.49
N GLU B 173 6.04 16.38 22.14
CA GLU B 173 7.44 15.94 22.12
C GLU B 173 7.73 14.97 20.96
N PHE B 174 6.88 14.99 19.94
CA PHE B 174 7.05 14.15 18.78
C PHE B 174 8.10 14.98 18.02
N LEU B 175 9.03 14.35 17.33
CA LEU B 175 10.10 15.03 16.56
C LEU B 175 11.21 15.70 17.37
N GLU B 176 11.28 15.46 18.66
CA GLU B 176 12.19 16.20 19.51
C GLU B 176 13.66 15.77 19.28
N GLY B 177 13.86 14.47 19.07
CA GLY B 177 15.20 13.93 18.78
C GLY B 177 15.42 13.61 17.31
N TYR B 178 14.75 14.35 16.43
CA TYR B 178 14.81 14.12 14.99
C TYR B 178 14.68 15.44 14.24
N PRO B 179 15.77 16.22 14.20
CA PRO B 179 15.75 17.56 13.58
C PRO B 179 15.53 17.53 12.06
N GLU B 180 16.09 16.53 11.40
CA GLU B 180 15.95 16.40 9.95
C GLU B 180 14.48 16.22 9.55
N VAL B 181 13.72 15.52 10.40
CA VAL B 181 12.29 15.32 10.18
C VAL B 181 11.52 16.63 10.35
N LYS B 182 11.97 17.48 11.28
CA LYS B 182 11.33 18.78 11.50
C LYS B 182 11.59 19.75 10.33
N GLU B 183 12.85 19.89 9.94
CA GLU B 183 13.19 20.76 8.80
C GLU B 183 12.44 20.32 7.54
N HIS B 184 12.18 19.01 7.42
CA HIS B 184 11.34 18.52 6.35
C HIS B 184 9.89 19.01 6.46
N MET B 185 9.23 18.71 7.59
CA MET B 185 7.85 19.16 7.82
C MET B 185 7.67 20.62 7.43
N GLU B 186 8.54 21.46 7.97
CA GLU B 186 8.45 22.90 7.75
C GLU B 186 8.65 23.26 6.28
N LYS B 187 9.65 22.63 5.66
CA LYS B 187 9.96 22.92 4.26
C LYS B 187 8.76 22.66 3.36
N ILE B 188 8.14 21.51 3.51
CA ILE B 188 7.00 21.10 2.66
C ILE B 188 5.80 22.03 2.86
N ARG B 189 5.43 22.23 4.12
CA ARG B 189 4.25 23.00 4.47
C ARG B 189 4.41 24.51 4.24
N ALA B 190 5.65 24.96 4.08
CA ALA B 190 5.92 26.36 3.76
C ALA B 190 5.80 26.67 2.26
N ILE B 191 5.62 25.63 1.44
CA ILE B 191 5.47 25.81 0.01
C ILE B 191 4.18 26.60 -0.25
N PRO B 192 4.28 27.73 -0.97
CA PRO B 192 3.19 28.71 -1.11
C PRO B 192 1.78 28.16 -1.23
N LYS B 193 1.51 27.33 -2.24
CA LYS B 193 0.13 26.86 -2.49
C LYS B 193 -0.36 25.89 -1.41
N LEU B 194 0.57 25.16 -0.80
CA LEU B 194 0.25 24.27 0.31
C LEU B 194 0.01 25.09 1.59
N LYS B 195 0.94 25.99 1.89
CA LYS B 195 0.80 26.91 3.01
C LYS B 195 -0.58 27.55 3.01
N LYS B 196 -0.93 28.11 1.86
CA LYS B 196 -2.23 28.75 1.65
C LYS B 196 -3.40 27.81 1.96
N TRP B 197 -3.33 26.57 1.47
CA TRP B 197 -4.35 25.57 1.73
C TRP B 197 -4.45 25.28 3.22
N ILE B 198 -3.30 25.10 3.86
CA ILE B 198 -3.27 24.82 5.30
C ILE B 198 -3.96 25.94 6.08
N GLU B 199 -3.79 27.17 5.64
CA GLU B 199 -4.39 28.32 6.29
C GLU B 199 -5.89 28.50 6.00
N THR B 200 -6.34 28.06 4.84
CA THR B 200 -7.74 28.27 4.40
C THR B 200 -8.65 27.06 4.55
N ARG B 201 -8.07 25.86 4.65
CA ARG B 201 -8.86 24.64 4.73
C ARG B 201 -9.73 24.62 5.99
N PRO B 202 -10.78 23.79 5.99
CA PRO B 202 -11.57 23.68 7.21
C PRO B 202 -10.71 23.15 8.36
N GLU B 203 -10.90 23.75 9.53
CA GLU B 203 -10.08 23.41 10.67
C GLU B 203 -10.70 22.27 11.46
N THR B 204 -9.99 21.16 11.50
CA THR B 204 -10.46 19.96 12.21
C THR B 204 -9.31 19.37 13.05
N LEU B 205 -9.66 18.51 13.99
CA LEU B 205 -8.65 18.05 14.95
C LEU B 205 -7.82 16.86 14.47
N PHE B 206 -8.21 16.21 13.37
CA PHE B 206 -7.33 15.28 12.66
C PHE B 206 -7.77 15.06 11.21
#